data_1VIV
#
_entry.id   1VIV
#
_cell.length_a   71.363
_cell.length_b   71.363
_cell.length_c   245.452
_cell.angle_alpha   90.00
_cell.angle_beta   90.00
_cell.angle_gamma   120.00
#
_symmetry.space_group_name_H-M   'P 65 2 2'
#
loop_
_entity.id
_entity.type
_entity.pdbx_description
1 polymer 'Hypothetical protein yckF'
2 water water
#
_entity_poly.entity_id   1
_entity_poly.type   'polypeptide(L)'
_entity_poly.pdbx_seq_one_letter_code
;MSLKTTEYVAEILNELHNSAAYISNEEADQLADHILSSHQIFTAGAGRSGLMAKSFAMRLMHMGFNAHIVGEILTPPLAE
GDLVIIGSGSGETKSLIHTAAKAKSLHGIVAALTINPESSIGKQADLIIRMPGSPKDQSNGSYKTIQPMGSLFEQTLLLF
YDAVILKLMEKKGLDSETMFTHHANLEEGGSHHHHHH
;
_entity_poly.pdbx_strand_id   A,B
#
# COMPACT_ATOMS: atom_id res chain seq x y z
N LEU A 3 8.10 -19.14 12.17
CA LEU A 3 8.84 -17.84 12.21
C LEU A 3 8.11 -16.79 13.04
N LYS A 4 8.85 -15.80 13.50
CA LYS A 4 8.25 -14.65 14.17
C LYS A 4 7.70 -13.66 13.12
N THR A 5 6.61 -12.97 13.47
CA THR A 5 5.97 -12.02 12.56
C THR A 5 6.98 -11.02 12.01
N THR A 6 7.78 -10.44 12.91
CA THR A 6 8.88 -9.54 12.54
C THR A 6 9.90 -10.18 11.59
N GLU A 7 10.08 -11.50 11.67
CA GLU A 7 10.96 -12.22 10.75
C GLU A 7 10.32 -12.31 9.36
N TYR A 8 8.99 -12.47 9.34
CA TYR A 8 8.21 -12.42 8.10
C TYR A 8 8.29 -11.03 7.44
N VAL A 9 8.22 -9.98 8.26
CA VAL A 9 8.36 -8.62 7.76
C VAL A 9 9.69 -8.57 7.03
N ALA A 10 10.75 -9.00 7.74
CA ALA A 10 12.11 -8.90 7.21
C ALA A 10 12.25 -9.79 5.97
N GLU A 11 11.64 -10.96 6.01
CA GLU A 11 11.56 -11.82 4.81
C GLU A 11 10.93 -11.09 3.63
N ILE A 12 9.80 -10.39 3.88
CA ILE A 12 9.12 -9.60 2.85
C ILE A 12 10.05 -8.55 2.24
N LEU A 13 10.74 -7.82 3.12
CA LEU A 13 11.69 -6.81 2.73
C LEU A 13 12.87 -7.42 1.98
N ASN A 14 13.20 -8.66 2.28
CA ASN A 14 14.20 -9.34 1.48
C ASN A 14 13.72 -9.53 0.04
N GLU A 15 12.53 -10.11 -0.11
CA GLU A 15 11.87 -10.25 -1.42
C GLU A 15 11.82 -8.96 -2.21
N LEU A 16 11.53 -7.84 -1.53
CA LEU A 16 11.36 -6.55 -2.20
C LEU A 16 12.65 -5.95 -2.74
N HIS A 17 13.79 -6.43 -2.24
CA HIS A 17 15.09 -5.98 -2.72
C HIS A 17 15.39 -6.48 -4.12
N ASN A 18 15.27 -7.78 -4.31
CA ASN A 18 15.53 -8.38 -5.62
C ASN A 18 14.60 -7.82 -6.67
N SER A 19 13.35 -7.58 -6.27
CA SER A 19 12.33 -7.07 -7.16
C SER A 19 12.53 -5.58 -7.50
N ALA A 20 12.93 -4.78 -6.51
CA ALA A 20 13.05 -3.33 -6.70
C ALA A 20 14.09 -2.95 -7.73
N ALA A 21 15.33 -2.75 -7.28
CA ALA A 21 16.46 -2.38 -8.12
C ALA A 21 16.29 -2.80 -9.58
N TYR A 22 15.96 -4.08 -9.78
CA TYR A 22 15.77 -4.68 -11.10
C TYR A 22 14.95 -3.84 -12.11
N ILE A 23 14.22 -2.84 -11.63
CA ILE A 23 13.43 -1.98 -12.51
C ILE A 23 14.32 -1.01 -13.27
N SER A 24 14.02 -0.84 -14.56
CA SER A 24 14.81 0.01 -15.42
C SER A 24 14.50 1.49 -15.22
N ASN A 25 15.55 2.25 -14.94
CA ASN A 25 15.46 3.69 -14.71
C ASN A 25 14.90 4.49 -15.89
N GLU A 26 15.20 4.09 -17.11
CA GLU A 26 14.93 4.94 -18.27
C GLU A 26 13.44 5.12 -18.50
N GLU A 27 12.71 4.02 -18.36
CA GLU A 27 11.25 4.02 -18.44
C GLU A 27 10.65 4.73 -17.23
N ALA A 28 11.11 4.36 -16.03
CA ALA A 28 10.63 4.97 -14.80
C ALA A 28 10.75 6.47 -14.86
N ASP A 29 11.97 6.96 -15.04
CA ASP A 29 12.22 8.40 -15.05
C ASP A 29 11.48 9.15 -16.17
N GLN A 30 11.19 8.44 -17.26
CA GLN A 30 10.27 8.95 -18.30
C GLN A 30 8.83 9.13 -17.78
N LEU A 31 8.40 8.28 -16.85
CA LEU A 31 7.06 8.40 -16.28
C LEU A 31 6.85 9.77 -15.59
N ALA A 32 7.85 10.17 -14.80
CA ALA A 32 7.82 11.41 -14.07
C ALA A 32 7.69 12.64 -14.99
N ASP A 33 8.31 12.56 -16.17
CA ASP A 33 8.20 13.66 -17.14
C ASP A 33 6.79 13.77 -17.75
N HIS A 34 6.18 12.60 -18.01
CA HIS A 34 4.80 12.54 -18.47
C HIS A 34 3.82 13.13 -17.43
N ILE A 35 3.98 12.74 -16.17
CA ILE A 35 3.20 13.36 -15.09
C ILE A 35 3.32 14.90 -15.12
N LEU A 36 4.52 15.41 -15.39
CA LEU A 36 4.75 16.85 -15.45
C LEU A 36 4.08 17.56 -16.63
N SER A 37 3.92 16.88 -17.77
CA SER A 37 3.35 17.51 -18.95
C SER A 37 1.84 17.40 -19.05
N SER A 38 1.33 16.17 -19.06
CA SER A 38 -0.09 15.92 -19.25
C SER A 38 -0.92 16.77 -18.31
N HIS A 39 -2.04 17.27 -18.82
CA HIS A 39 -2.91 18.14 -18.04
C HIS A 39 -3.63 17.37 -16.95
N GLN A 40 -3.99 16.12 -17.24
CA GLN A 40 -4.68 15.23 -16.30
C GLN A 40 -3.98 13.91 -16.23
N ILE A 41 -3.99 13.32 -15.04
CA ILE A 41 -3.40 12.00 -14.78
C ILE A 41 -4.41 11.04 -14.12
N PHE A 42 -4.53 9.84 -14.70
CA PHE A 42 -5.44 8.80 -14.23
C PHE A 42 -4.67 7.56 -13.77
N THR A 43 -5.00 7.02 -12.61
CA THR A 43 -4.37 5.75 -12.19
C THR A 43 -5.42 4.65 -12.26
N ALA A 44 -4.99 3.40 -12.29
CA ALA A 44 -5.89 2.29 -12.50
C ALA A 44 -5.29 0.99 -11.99
N GLY A 45 -6.16 0.10 -11.48
CA GLY A 45 -5.78 -1.25 -11.14
C GLY A 45 -7.00 -2.00 -10.63
N ALA A 46 -6.91 -3.32 -10.54
CA ALA A 46 -7.96 -4.12 -9.96
C ALA A 46 -7.52 -4.60 -8.59
N GLY A 47 -8.49 -4.86 -7.70
CA GLY A 47 -8.20 -5.33 -6.35
C GLY A 47 -7.07 -4.60 -5.65
N ARG A 48 -6.27 -5.36 -4.94
CA ARG A 48 -5.13 -4.80 -4.20
C ARG A 48 -4.27 -3.87 -5.02
N SER A 49 -4.12 -4.15 -6.32
CA SER A 49 -3.38 -3.25 -7.18
C SER A 49 -4.12 -1.94 -7.36
N GLY A 50 -5.46 -2.04 -7.48
CA GLY A 50 -6.36 -0.89 -7.47
C GLY A 50 -6.16 0.03 -6.28
N LEU A 51 -6.17 -0.54 -5.08
CA LEU A 51 -5.82 0.19 -3.88
C LEU A 51 -4.48 0.93 -3.95
N MET A 52 -3.44 0.30 -4.50
CA MET A 52 -2.13 0.96 -4.64
C MET A 52 -2.23 2.10 -5.61
N ALA A 53 -3.00 1.91 -6.68
CA ALA A 53 -3.19 2.97 -7.69
C ALA A 53 -3.84 4.14 -7.00
N LYS A 54 -4.77 3.86 -6.07
CA LYS A 54 -5.51 4.91 -5.38
C LYS A 54 -4.60 5.74 -4.48
N SER A 55 -3.69 5.06 -3.77
CA SER A 55 -2.72 5.68 -2.89
C SER A 55 -1.77 6.63 -3.64
N PHE A 56 -1.38 6.25 -4.86
CA PHE A 56 -0.56 7.08 -5.72
C PHE A 56 -1.29 8.37 -6.15
N ALA A 57 -2.52 8.18 -6.62
CA ALA A 57 -3.38 9.31 -7.04
C ALA A 57 -3.62 10.21 -5.82
N MET A 58 -3.82 9.63 -4.65
CA MET A 58 -3.99 10.43 -3.48
C MET A 58 -2.79 11.36 -3.25
N ARG A 59 -1.58 10.81 -3.29
CA ARG A 59 -0.37 11.61 -3.11
C ARG A 59 -0.17 12.63 -4.23
N LEU A 60 -0.54 12.27 -5.46
CA LEU A 60 -0.39 13.21 -6.57
C LEU A 60 -1.25 14.46 -6.38
N MET A 61 -2.48 14.23 -5.92
CA MET A 61 -3.45 15.27 -5.63
C MET A 61 -2.91 16.19 -4.54
N HIS A 62 -2.34 15.58 -3.50
CA HIS A 62 -1.65 16.29 -2.41
C HIS A 62 -0.57 17.22 -2.95
N MET A 63 0.06 16.81 -4.04
CA MET A 63 1.11 17.57 -4.69
C MET A 63 0.53 18.56 -5.69
N GLY A 64 -0.76 18.48 -5.94
CA GLY A 64 -1.43 19.47 -6.78
C GLY A 64 -1.48 19.19 -8.27
N PHE A 65 -1.28 17.93 -8.64
CA PHE A 65 -1.54 17.51 -10.01
C PHE A 65 -3.05 17.26 -10.11
N ASN A 66 -3.62 17.37 -11.30
CA ASN A 66 -5.01 17.00 -11.50
C ASN A 66 -5.11 15.48 -11.65
N ALA A 67 -4.98 14.76 -10.53
CA ALA A 67 -4.93 13.31 -10.50
C ALA A 67 -6.29 12.64 -10.29
N HIS A 68 -6.53 11.53 -10.99
CA HIS A 68 -7.81 10.83 -10.90
C HIS A 68 -7.63 9.34 -10.88
N ILE A 69 -8.67 8.64 -10.44
CA ILE A 69 -8.66 7.19 -10.36
C ILE A 69 -9.71 6.63 -11.30
N VAL A 70 -9.26 5.86 -12.28
CA VAL A 70 -10.19 5.21 -13.20
C VAL A 70 -11.29 4.46 -12.41
N GLY A 71 -12.55 4.69 -12.77
CA GLY A 71 -13.65 3.95 -12.18
C GLY A 71 -14.20 4.41 -10.85
N GLU A 72 -13.99 5.68 -10.46
CA GLU A 72 -14.69 6.27 -9.32
C GLU A 72 -15.90 7.11 -9.78
N ILE A 73 -16.79 7.44 -8.85
CA ILE A 73 -18.03 8.19 -9.09
C ILE A 73 -17.84 9.55 -9.80
N LEU A 74 -16.84 10.31 -9.38
CA LEU A 74 -16.59 11.64 -9.95
C LEU A 74 -15.38 11.69 -10.89
N THR A 75 -15.03 10.55 -11.48
CA THR A 75 -13.95 10.58 -12.47
C THR A 75 -14.33 11.43 -13.70
N PRO A 76 -13.51 12.42 -14.04
CA PRO A 76 -13.77 13.26 -15.21
C PRO A 76 -13.42 12.53 -16.51
N PRO A 77 -13.94 12.98 -17.64
CA PRO A 77 -13.57 12.38 -18.94
C PRO A 77 -12.13 12.69 -19.26
N LEU A 78 -11.41 11.69 -19.77
CA LEU A 78 -10.04 11.89 -20.27
C LEU A 78 -10.08 12.78 -21.52
N ALA A 79 -9.06 13.62 -21.69
CA ALA A 79 -8.88 14.37 -22.94
C ALA A 79 -7.57 14.00 -23.66
N GLU A 80 -7.41 14.48 -24.89
CA GLU A 80 -6.17 14.26 -25.64
C GLU A 80 -4.96 14.81 -24.88
N GLY A 81 -3.98 13.93 -24.64
CA GLY A 81 -2.76 14.30 -23.94
C GLY A 81 -2.68 13.76 -22.53
N ASP A 82 -3.83 13.54 -21.90
CA ASP A 82 -3.87 12.99 -20.54
C ASP A 82 -3.14 11.66 -20.39
N LEU A 83 -2.58 11.44 -19.20
CA LEU A 83 -1.82 10.24 -18.87
C LEU A 83 -2.75 9.24 -18.21
N VAL A 84 -2.49 7.97 -18.46
CA VAL A 84 -3.15 6.92 -17.72
C VAL A 84 -2.09 5.92 -17.28
N ILE A 85 -2.04 5.67 -15.99
CA ILE A 85 -1.07 4.76 -15.38
C ILE A 85 -1.79 3.49 -14.90
N ILE A 86 -1.29 2.34 -15.33
CA ILE A 86 -1.98 1.07 -15.09
C ILE A 86 -1.09 0.01 -14.46
N GLY A 87 -1.46 -0.44 -13.28
CA GLY A 87 -0.72 -1.46 -12.60
C GLY A 87 -1.43 -2.77 -12.77
N SER A 88 -0.78 -3.69 -13.49
CA SER A 88 -1.36 -5.02 -13.79
C SER A 88 -0.31 -6.12 -13.99
N GLY A 89 -0.18 -7.04 -13.04
CA GLY A 89 0.78 -8.10 -13.15
C GLY A 89 0.63 -8.90 -14.44
N SER A 90 -0.47 -9.65 -14.49
CA SER A 90 -0.85 -10.42 -15.65
C SER A 90 -0.73 -9.61 -16.92
N GLY A 91 -1.35 -8.42 -16.90
CA GLY A 91 -1.45 -7.58 -18.09
C GLY A 91 -2.65 -7.98 -18.91
N GLU A 92 -3.50 -8.81 -18.30
CA GLU A 92 -4.64 -9.40 -18.99
C GLU A 92 -6.04 -8.99 -18.48
N THR A 93 -6.13 -8.45 -17.24
CA THR A 93 -7.40 -8.01 -16.62
C THR A 93 -8.25 -7.20 -17.59
N LYS A 94 -9.39 -7.78 -17.96
CA LYS A 94 -10.21 -7.35 -19.11
C LYS A 94 -10.71 -5.91 -19.01
N SER A 95 -11.10 -5.54 -17.80
CA SER A 95 -11.41 -4.17 -17.45
C SER A 95 -10.30 -3.18 -17.89
N LEU A 96 -9.05 -3.49 -17.58
CA LEU A 96 -7.93 -2.55 -17.75
C LEU A 96 -7.44 -2.56 -19.18
N ILE A 97 -7.58 -3.69 -19.86
CA ILE A 97 -7.44 -3.74 -21.31
C ILE A 97 -8.31 -2.67 -21.96
N HIS A 98 -9.60 -2.71 -21.63
CA HIS A 98 -10.55 -1.75 -22.14
C HIS A 98 -10.12 -0.33 -21.81
N THR A 99 -9.72 -0.08 -20.57
CA THR A 99 -9.24 1.25 -20.22
C THR A 99 -8.10 1.77 -21.11
N ALA A 100 -7.07 0.95 -21.32
CA ALA A 100 -5.95 1.32 -22.21
C ALA A 100 -6.44 1.59 -23.64
N ALA A 101 -7.15 0.63 -24.22
CA ALA A 101 -7.70 0.75 -25.56
C ALA A 101 -8.52 2.01 -25.68
N LYS A 102 -9.50 2.19 -24.80
CA LYS A 102 -10.32 3.39 -24.84
C LYS A 102 -9.47 4.65 -24.71
N ALA A 103 -8.49 4.63 -23.80
CA ALA A 103 -7.59 5.78 -23.64
C ALA A 103 -6.81 6.15 -24.91
N LYS A 104 -6.25 5.17 -25.61
CA LYS A 104 -5.45 5.44 -26.82
C LYS A 104 -6.33 5.99 -27.93
N SER A 105 -7.57 5.50 -28.01
CA SER A 105 -8.54 5.97 -28.97
C SER A 105 -8.89 7.43 -28.77
N LEU A 106 -8.88 7.89 -27.52
CA LEU A 106 -9.09 9.31 -27.26
C LEU A 106 -7.79 10.10 -27.37
N HIS A 107 -6.75 9.42 -27.85
CA HIS A 107 -5.40 9.96 -27.96
C HIS A 107 -4.85 10.43 -26.62
N GLY A 108 -5.06 9.60 -25.60
CA GLY A 108 -4.35 9.78 -24.35
C GLY A 108 -3.06 9.01 -24.46
N ILE A 109 -2.21 9.17 -23.45
CA ILE A 109 -0.97 8.41 -23.34
C ILE A 109 -1.17 7.34 -22.29
N VAL A 110 -0.85 6.11 -22.65
CA VAL A 110 -0.92 4.99 -21.73
C VAL A 110 0.47 4.54 -21.26
N ALA A 111 0.61 4.41 -19.95
CA ALA A 111 1.81 3.87 -19.34
C ALA A 111 1.42 2.65 -18.54
N ALA A 112 2.01 1.50 -18.86
CA ALA A 112 1.67 0.25 -18.15
C ALA A 112 2.82 -0.27 -17.30
N LEU A 113 2.53 -0.62 -16.06
CA LEU A 113 3.46 -1.29 -15.15
C LEU A 113 3.00 -2.74 -15.05
N THR A 114 3.79 -3.64 -15.61
CA THR A 114 3.42 -5.05 -15.71
C THR A 114 4.61 -5.99 -15.86
N ILE A 115 4.45 -7.19 -15.30
CA ILE A 115 5.38 -8.29 -15.46
C ILE A 115 5.66 -8.62 -16.95
N ASN A 116 4.60 -8.53 -17.76
CA ASN A 116 4.57 -9.07 -19.10
C ASN A 116 4.42 -7.99 -20.16
N PRO A 117 5.52 -7.40 -20.61
CA PRO A 117 5.45 -6.30 -21.56
C PRO A 117 4.73 -6.68 -22.84
N GLU A 118 4.62 -7.98 -23.11
CA GLU A 118 3.98 -8.44 -24.35
C GLU A 118 2.46 -8.66 -24.24
N SER A 119 1.96 -8.66 -22.99
CA SER A 119 0.54 -8.85 -22.67
C SER A 119 -0.38 -7.94 -23.47
N SER A 120 -1.69 -8.18 -23.35
CA SER A 120 -2.70 -7.32 -23.97
C SER A 120 -2.63 -5.86 -23.53
N ILE A 121 -2.33 -5.60 -22.26
CA ILE A 121 -2.20 -4.22 -21.79
C ILE A 121 -0.85 -3.61 -22.23
N GLY A 122 0.26 -4.35 -22.00
CA GLY A 122 1.58 -3.96 -22.45
C GLY A 122 1.67 -3.53 -23.91
N LYS A 123 1.03 -4.30 -24.79
CA LYS A 123 1.06 -4.04 -26.22
C LYS A 123 0.45 -2.66 -26.55
N GLN A 124 -0.50 -2.22 -25.73
CA GLN A 124 -1.18 -0.93 -25.94
C GLN A 124 -0.37 0.26 -25.43
N ALA A 125 0.52 0.00 -24.48
CA ALA A 125 1.18 1.04 -23.71
C ALA A 125 2.24 1.82 -24.48
N ASP A 126 2.17 3.14 -24.37
CA ASP A 126 3.20 4.02 -24.93
C ASP A 126 4.50 3.87 -24.15
N LEU A 127 4.38 3.53 -22.88
CA LEU A 127 5.52 3.36 -21.99
C LEU A 127 5.28 2.13 -21.12
N ILE A 128 6.27 1.24 -21.09
CA ILE A 128 6.18 0.08 -20.21
C ILE A 128 7.23 0.18 -19.13
N ILE A 129 6.81 -0.01 -17.89
CA ILE A 129 7.75 -0.17 -16.79
C ILE A 129 7.69 -1.62 -16.39
N ARG A 130 8.68 -2.38 -16.86
CA ARG A 130 8.67 -3.83 -16.73
C ARG A 130 8.93 -4.27 -15.28
N MET A 131 8.02 -5.08 -14.75
CA MET A 131 8.07 -5.53 -13.36
C MET A 131 8.51 -6.98 -13.29
N PRO A 132 9.18 -7.33 -12.19
CA PRO A 132 9.74 -8.67 -12.03
C PRO A 132 8.67 -9.68 -11.65
N GLY A 133 8.96 -10.97 -11.84
CA GLY A 133 8.01 -12.01 -11.50
C GLY A 133 7.80 -12.96 -12.66
N SER A 134 8.50 -12.71 -13.77
CA SER A 134 8.51 -13.63 -14.92
C SER A 134 8.96 -15.03 -14.50
N PRO A 135 8.40 -16.08 -15.12
CA PRO A 135 8.98 -17.43 -14.97
C PRO A 135 10.48 -17.43 -15.31
N LYS A 136 10.88 -16.63 -16.29
CA LYS A 136 12.31 -16.47 -16.60
C LYS A 136 13.07 -15.80 -15.44
N ASP A 137 12.43 -14.82 -14.79
CA ASP A 137 13.02 -14.14 -13.62
C ASP A 137 13.14 -15.09 -12.44
N GLN A 138 12.17 -15.98 -12.29
CA GLN A 138 12.12 -16.91 -11.17
C GLN A 138 13.16 -18.01 -11.32
N SER A 139 13.34 -18.48 -12.55
CA SER A 139 14.30 -19.55 -12.84
C SER A 139 15.72 -19.00 -12.86
N ASN A 140 15.80 -17.68 -13.01
CA ASN A 140 17.03 -16.88 -13.05
C ASN A 140 17.72 -16.67 -11.72
N GLY A 141 16.91 -16.55 -10.66
CA GLY A 141 17.38 -16.13 -9.35
C GLY A 141 17.25 -14.63 -9.17
N SER A 142 16.62 -13.98 -10.14
CA SER A 142 16.41 -12.54 -10.07
C SER A 142 15.10 -12.21 -9.39
N TYR A 143 14.24 -13.22 -9.24
CA TYR A 143 12.95 -13.07 -8.57
C TYR A 143 12.57 -14.34 -7.79
N LYS A 144 12.15 -14.16 -6.54
CA LYS A 144 11.57 -15.25 -5.73
C LYS A 144 10.57 -14.74 -4.69
N THR A 145 9.57 -15.56 -4.34
CA THR A 145 8.57 -15.15 -3.35
C THR A 145 7.94 -16.25 -2.50
N ILE A 146 7.68 -15.90 -1.25
CA ILE A 146 7.07 -16.76 -0.24
C ILE A 146 5.58 -16.41 -0.07
N GLN A 147 5.14 -15.36 -0.74
CA GLN A 147 3.84 -14.77 -0.46
C GLN A 147 2.71 -15.23 -1.42
N PRO A 148 1.46 -15.25 -0.95
CA PRO A 148 0.32 -15.53 -1.83
C PRO A 148 0.34 -14.63 -3.06
N MET A 149 -0.21 -15.12 -4.16
CA MET A 149 -0.03 -14.46 -5.44
C MET A 149 -0.52 -13.02 -5.37
N GLY A 150 0.25 -12.13 -5.96
CA GLY A 150 -0.05 -10.70 -5.99
C GLY A 150 0.71 -9.85 -4.97
N SER A 151 0.92 -10.42 -3.78
CA SER A 151 1.47 -9.67 -2.65
C SER A 151 2.74 -8.85 -2.91
N LEU A 152 3.75 -9.47 -3.51
CA LEU A 152 5.05 -8.84 -3.78
C LEU A 152 4.94 -7.80 -4.89
N PHE A 153 4.20 -8.16 -5.93
CA PHE A 153 3.93 -7.23 -7.04
C PHE A 153 3.18 -6.00 -6.56
N GLU A 154 2.18 -6.21 -5.69
CA GLU A 154 1.39 -5.10 -5.13
C GLU A 154 2.26 -4.19 -4.29
N GLN A 155 3.15 -4.79 -3.47
CA GLN A 155 4.10 -4.05 -2.62
C GLN A 155 5.10 -3.28 -3.49
N THR A 156 5.50 -3.88 -4.60
CA THR A 156 6.45 -3.23 -5.48
C THR A 156 5.80 -2.02 -6.11
N LEU A 157 4.50 -2.12 -6.42
CA LEU A 157 3.75 -0.99 -6.94
C LEU A 157 3.78 0.18 -5.99
N LEU A 158 3.43 -0.07 -4.73
CA LEU A 158 3.46 0.98 -3.73
C LEU A 158 4.77 1.77 -3.62
N LEU A 159 5.87 1.04 -3.35
CA LEU A 159 7.20 1.65 -3.24
C LEU A 159 7.58 2.34 -4.54
N PHE A 160 7.25 1.70 -5.67
CA PHE A 160 7.59 2.29 -6.95
C PHE A 160 6.85 3.58 -7.18
N TYR A 161 5.54 3.56 -6.93
CA TYR A 161 4.70 4.76 -6.92
C TYR A 161 5.27 5.84 -5.98
N ASP A 162 5.47 5.51 -4.71
CA ASP A 162 6.03 6.46 -3.74
C ASP A 162 7.41 7.02 -4.19
N ALA A 163 8.24 6.21 -4.86
CA ALA A 163 9.54 6.67 -5.41
C ALA A 163 9.35 7.67 -6.52
N VAL A 164 8.35 7.42 -7.38
CA VAL A 164 7.94 8.40 -8.39
C VAL A 164 7.51 9.72 -7.72
N ILE A 165 6.93 9.63 -6.52
CA ILE A 165 6.58 10.83 -5.76
C ILE A 165 7.85 11.63 -5.42
N LEU A 166 8.84 10.95 -4.85
CA LEU A 166 10.17 11.51 -4.59
C LEU A 166 10.82 12.19 -5.80
N LYS A 167 10.84 11.51 -6.94
CA LYS A 167 11.42 12.09 -8.15
C LYS A 167 10.65 13.31 -8.64
N LEU A 168 9.35 13.36 -8.38
CA LEU A 168 8.59 14.54 -8.75
C LEU A 168 8.87 15.71 -7.81
N MET A 169 9.13 15.40 -6.54
CA MET A 169 9.45 16.44 -5.54
C MET A 169 10.75 17.09 -5.97
N GLU A 170 11.78 16.26 -6.13
CA GLU A 170 13.07 16.66 -6.69
C GLU A 170 12.96 17.57 -7.92
N LYS A 171 12.21 17.15 -8.93
CA LYS A 171 12.08 17.91 -10.18
C LYS A 171 11.30 19.22 -9.99
N LYS A 172 10.62 19.32 -8.84
CA LYS A 172 9.79 20.47 -8.52
C LYS A 172 10.42 21.25 -7.36
N GLY A 173 11.56 20.75 -6.89
CA GLY A 173 12.31 21.39 -5.83
C GLY A 173 11.63 21.42 -4.48
N LEU A 174 11.12 20.27 -4.02
CA LEU A 174 10.53 20.18 -2.68
C LEU A 174 11.06 19.03 -1.81
N ASP A 175 10.59 18.98 -0.56
CA ASP A 175 11.02 17.98 0.41
C ASP A 175 9.97 17.73 1.50
N SER A 176 10.12 16.62 2.22
CA SER A 176 9.13 16.22 3.21
C SER A 176 8.94 17.20 4.38
N GLU A 177 9.64 18.33 4.34
CA GLU A 177 9.44 19.39 5.34
C GLU A 177 8.67 20.56 4.74
N THR A 178 9.14 21.08 3.60
CA THR A 178 8.41 22.12 2.86
C THR A 178 7.02 21.60 2.49
N MET A 179 6.97 20.30 2.23
CA MET A 179 5.85 19.60 1.60
C MET A 179 4.47 20.08 2.02
N PHE A 180 3.91 21.01 1.23
CA PHE A 180 2.52 21.41 1.37
C PHE A 180 1.68 20.41 0.61
N THR A 181 0.79 19.75 1.32
CA THR A 181 -0.08 18.75 0.72
C THR A 181 -1.51 19.26 0.66
N HIS A 182 -2.19 19.00 -0.47
CA HIS A 182 -3.60 19.35 -0.63
C HIS A 182 -4.46 18.19 -0.16
N HIS A 183 -4.67 18.10 1.15
CA HIS A 183 -5.47 17.03 1.75
C HIS A 183 -6.80 17.55 2.29
N ALA A 184 -7.81 16.68 2.25
CA ALA A 184 -9.16 17.00 2.72
C ALA A 184 -9.21 17.67 4.10
N ASN A 185 -10.28 18.40 4.36
CA ASN A 185 -10.40 19.24 5.56
C ASN A 185 -11.46 18.78 6.55
N LEU A 186 -12.65 18.47 6.03
CA LEU A 186 -13.82 18.17 6.84
C LEU A 186 -13.68 16.87 7.64
N LEU B 3 18.81 10.40 -6.95
CA LEU B 3 18.50 11.19 -8.19
C LEU B 3 17.61 10.45 -9.20
N LYS B 4 17.91 9.18 -9.46
CA LYS B 4 17.08 8.36 -10.35
C LYS B 4 16.04 7.55 -9.56
N THR B 5 14.88 7.30 -10.18
CA THR B 5 13.72 6.67 -9.53
C THR B 5 14.04 5.38 -8.81
N THR B 6 14.84 4.53 -9.44
CA THR B 6 15.27 3.26 -8.82
C THR B 6 16.14 3.50 -7.59
N GLU B 7 16.86 4.63 -7.56
CA GLU B 7 17.65 5.01 -6.39
C GLU B 7 16.73 5.44 -5.24
N TYR B 8 15.69 6.20 -5.58
CA TYR B 8 14.67 6.58 -4.58
C TYR B 8 13.95 5.36 -4.01
N VAL B 9 13.72 4.35 -4.86
CA VAL B 9 13.15 3.08 -4.40
C VAL B 9 14.03 2.54 -3.28
N ALA B 10 15.35 2.52 -3.56
CA ALA B 10 16.38 2.08 -2.62
C ALA B 10 16.40 2.94 -1.36
N GLU B 11 16.34 4.25 -1.53
CA GLU B 11 16.12 5.12 -0.37
C GLU B 11 14.97 4.61 0.49
N ILE B 12 13.82 4.32 -0.13
CA ILE B 12 12.62 3.85 0.59
C ILE B 12 12.88 2.49 1.25
N LEU B 13 13.50 1.60 0.49
CA LEU B 13 14.00 0.35 1.07
C LEU B 13 14.86 0.57 2.32
N ASN B 14 15.85 1.45 2.21
CA ASN B 14 16.67 1.81 3.37
C ASN B 14 15.82 2.23 4.57
N GLU B 15 14.97 3.23 4.38
CA GLU B 15 14.08 3.74 5.44
C GLU B 15 13.18 2.66 6.05
N LEU B 16 12.77 1.69 5.24
CA LEU B 16 11.96 0.57 5.73
C LEU B 16 12.77 -0.45 6.56
N HIS B 17 14.00 -0.77 6.14
CA HIS B 17 14.88 -1.66 6.92
C HIS B 17 15.11 -1.20 8.37
N ASN B 18 15.44 0.08 8.53
CA ASN B 18 15.61 0.66 9.86
C ASN B 18 14.31 0.61 10.64
N SER B 19 13.23 0.95 9.95
CA SER B 19 11.91 1.11 10.53
C SER B 19 11.25 -0.23 10.81
N ALA B 20 10.92 -0.95 9.74
CA ALA B 20 10.09 -2.18 9.82
C ALA B 20 10.37 -3.13 10.99
N ALA B 21 11.52 -3.79 10.98
CA ALA B 21 11.86 -4.79 12.01
C ALA B 21 11.84 -4.25 13.46
N TYR B 22 11.84 -2.92 13.60
CA TYR B 22 11.74 -2.20 14.87
C TYR B 22 10.47 -2.51 15.69
N ILE B 23 9.72 -3.53 15.28
CA ILE B 23 8.42 -3.84 15.89
C ILE B 23 8.51 -4.99 16.90
N SER B 24 7.68 -4.94 17.94
CA SER B 24 7.69 -5.96 18.98
C SER B 24 6.84 -7.18 18.65
N ASN B 25 7.49 -8.35 18.62
CA ASN B 25 6.85 -9.60 18.26
C ASN B 25 5.81 -10.09 19.23
N GLU B 26 6.06 -9.88 20.51
CA GLU B 26 5.10 -10.26 21.55
C GLU B 26 3.72 -9.72 21.19
N GLU B 27 3.67 -8.45 20.79
CA GLU B 27 2.43 -7.81 20.33
C GLU B 27 1.96 -8.48 19.02
N ALA B 28 2.81 -8.41 17.99
CA ALA B 28 2.54 -8.95 16.67
C ALA B 28 1.87 -10.34 16.66
N ASP B 29 2.57 -11.35 17.19
CA ASP B 29 2.08 -12.74 17.19
C ASP B 29 0.78 -12.90 17.97
N GLN B 30 0.52 -11.99 18.90
CA GLN B 30 -0.72 -12.02 19.68
C GLN B 30 -1.86 -11.43 18.85
N LEU B 31 -1.53 -10.56 17.90
CA LEU B 31 -2.52 -10.06 16.95
C LEU B 31 -2.95 -11.20 16.03
N ALA B 32 -1.99 -11.97 15.53
CA ALA B 32 -2.31 -13.18 14.75
C ALA B 32 -3.18 -14.12 15.59
N ASP B 33 -2.79 -14.32 16.85
CA ASP B 33 -3.57 -15.12 17.78
C ASP B 33 -5.01 -14.65 17.88
N HIS B 34 -5.19 -13.35 18.07
CA HIS B 34 -6.53 -12.77 18.14
C HIS B 34 -7.36 -12.99 16.85
N ILE B 35 -6.72 -12.81 15.68
CA ILE B 35 -7.42 -12.96 14.41
C ILE B 35 -8.02 -14.35 14.28
N LEU B 36 -7.26 -15.37 14.67
CA LEU B 36 -7.73 -16.75 14.66
C LEU B 36 -8.80 -17.04 15.71
N SER B 37 -8.96 -16.15 16.68
CA SER B 37 -9.91 -16.35 17.77
C SER B 37 -11.27 -15.75 17.45
N SER B 38 -11.31 -14.45 17.14
CA SER B 38 -12.56 -13.72 16.93
C SER B 38 -13.33 -14.33 15.79
N HIS B 39 -14.66 -14.31 15.88
CA HIS B 39 -15.50 -14.84 14.80
C HIS B 39 -15.71 -13.87 13.65
N GLN B 40 -15.52 -12.58 13.92
CA GLN B 40 -15.59 -11.55 12.88
C GLN B 40 -14.44 -10.58 13.06
N ILE B 41 -13.81 -10.22 11.96
CA ILE B 41 -12.69 -9.30 12.00
C ILE B 41 -13.02 -8.06 11.18
N PHE B 42 -12.75 -6.89 11.74
CA PHE B 42 -13.00 -5.63 11.08
C PHE B 42 -11.67 -4.93 10.94
N THR B 43 -11.31 -4.45 9.74
CA THR B 43 -10.16 -3.55 9.67
C THR B 43 -10.65 -2.11 9.56
N ALA B 44 -9.73 -1.14 9.69
CA ALA B 44 -10.07 0.27 9.77
C ALA B 44 -8.85 1.16 9.54
N GLY B 45 -9.10 2.32 8.91
CA GLY B 45 -8.08 3.33 8.65
C GLY B 45 -8.66 4.52 7.86
N ALA B 46 -7.90 5.59 7.75
CA ALA B 46 -8.32 6.78 7.02
C ALA B 46 -7.29 7.06 5.95
N GLY B 47 -7.75 7.56 4.82
CA GLY B 47 -6.84 7.82 3.71
C GLY B 47 -6.04 6.58 3.39
N ARG B 48 -4.75 6.79 3.14
CA ARG B 48 -3.86 5.72 2.68
C ARG B 48 -3.84 4.54 3.65
N SER B 49 -3.77 4.82 4.95
CA SER B 49 -3.83 3.79 5.96
C SER B 49 -5.07 2.98 5.79
N GLY B 50 -6.17 3.65 5.42
CA GLY B 50 -7.44 2.99 5.10
C GLY B 50 -7.33 2.06 3.91
N LEU B 51 -6.66 2.51 2.86
CA LEU B 51 -6.33 1.64 1.73
C LEU B 51 -5.55 0.36 2.16
N MET B 52 -4.57 0.50 3.06
CA MET B 52 -3.77 -0.65 3.51
C MET B 52 -4.66 -1.62 4.26
N ALA B 53 -5.52 -1.08 5.12
CA ALA B 53 -6.44 -1.90 5.91
C ALA B 53 -7.45 -2.63 5.03
N LYS B 54 -7.84 -2.01 3.92
CA LYS B 54 -8.68 -2.69 2.94
C LYS B 54 -7.93 -3.84 2.27
N SER B 55 -6.63 -3.63 1.99
CA SER B 55 -5.78 -4.70 1.46
C SER B 55 -5.70 -5.87 2.44
N PHE B 56 -5.58 -5.57 3.73
CA PHE B 56 -5.53 -6.58 4.77
C PHE B 56 -6.79 -7.42 4.77
N ALA B 57 -7.93 -6.76 5.00
CA ALA B 57 -9.25 -7.41 5.03
C ALA B 57 -9.50 -8.27 3.80
N MET B 58 -9.07 -7.80 2.62
CA MET B 58 -9.23 -8.59 1.40
C MET B 58 -8.44 -9.91 1.43
N ARG B 59 -7.18 -9.84 1.83
CA ARG B 59 -6.35 -11.03 2.00
C ARG B 59 -6.84 -11.90 3.14
N LEU B 60 -7.44 -11.29 4.15
CA LEU B 60 -8.01 -12.06 5.25
C LEU B 60 -9.25 -12.79 4.77
N MET B 61 -10.01 -12.12 3.89
CA MET B 61 -11.17 -12.68 3.20
C MET B 61 -10.76 -13.93 2.41
N HIS B 62 -9.63 -13.82 1.72
CA HIS B 62 -9.12 -14.87 0.86
C HIS B 62 -8.76 -16.17 1.62
N MET B 63 -8.27 -16.02 2.83
CA MET B 63 -8.03 -17.13 3.73
C MET B 63 -9.32 -17.66 4.35
N GLY B 64 -10.45 -17.06 4.00
CA GLY B 64 -11.73 -17.49 4.52
C GLY B 64 -12.05 -16.98 5.92
N PHE B 65 -11.33 -15.97 6.39
CA PHE B 65 -11.71 -15.30 7.63
C PHE B 65 -12.91 -14.38 7.39
N ASN B 66 -13.66 -14.10 8.45
CA ASN B 66 -14.81 -13.20 8.39
C ASN B 66 -14.35 -11.76 8.45
N ALA B 67 -13.89 -11.26 7.32
CA ALA B 67 -13.29 -9.94 7.24
C ALA B 67 -14.23 -8.86 6.73
N HIS B 68 -14.18 -7.71 7.39
CA HIS B 68 -14.90 -6.52 6.95
C HIS B 68 -14.06 -5.27 7.13
N ILE B 69 -14.52 -4.18 6.54
CA ILE B 69 -13.86 -2.90 6.60
C ILE B 69 -14.85 -1.89 7.20
N VAL B 70 -14.48 -1.26 8.30
CA VAL B 70 -15.29 -0.24 8.92
C VAL B 70 -15.58 0.87 7.90
N GLY B 71 -16.88 1.19 7.74
CA GLY B 71 -17.30 2.34 6.94
C GLY B 71 -17.68 2.06 5.50
N GLU B 72 -17.94 0.80 5.18
CA GLU B 72 -18.36 0.43 3.84
C GLU B 72 -19.84 0.13 3.91
N ILE B 73 -20.48 0.24 2.76
CA ILE B 73 -21.92 0.07 2.58
C ILE B 73 -22.48 -1.17 3.30
N LEU B 74 -21.79 -2.31 3.16
CA LEU B 74 -22.29 -3.60 3.68
C LEU B 74 -21.62 -4.09 4.96
N THR B 75 -20.88 -3.21 5.63
CA THR B 75 -20.32 -3.60 6.91
C THR B 75 -21.48 -3.94 7.87
N PRO B 76 -21.48 -5.14 8.44
CA PRO B 76 -22.50 -5.54 9.42
C PRO B 76 -22.16 -5.02 10.81
N PRO B 77 -23.05 -5.21 11.78
CA PRO B 77 -22.80 -4.80 13.17
C PRO B 77 -21.77 -5.67 13.91
N LEU B 78 -21.01 -5.03 14.79
CA LEU B 78 -20.02 -5.74 15.61
C LEU B 78 -20.69 -6.27 16.85
N ALA B 79 -20.43 -7.54 17.14
CA ALA B 79 -20.89 -8.16 18.37
C ALA B 79 -19.70 -8.28 19.31
N GLU B 80 -19.97 -8.45 20.60
CA GLU B 80 -18.90 -8.66 21.58
C GLU B 80 -17.98 -9.80 21.16
N GLY B 81 -16.70 -9.69 21.51
CA GLY B 81 -15.72 -10.70 21.14
C GLY B 81 -15.02 -10.47 19.81
N ASP B 82 -15.74 -9.87 18.85
CA ASP B 82 -15.18 -9.46 17.57
C ASP B 82 -13.93 -8.61 17.71
N LEU B 83 -13.09 -8.65 16.68
CA LEU B 83 -11.88 -7.85 16.68
C LEU B 83 -11.98 -6.72 15.65
N VAL B 84 -11.41 -5.57 16.00
CA VAL B 84 -11.31 -4.43 15.11
C VAL B 84 -9.85 -3.99 15.13
N ILE B 85 -9.25 -3.94 13.96
CA ILE B 85 -7.85 -3.60 13.83
C ILE B 85 -7.82 -2.18 13.26
N ILE B 86 -7.14 -1.26 13.95
CA ILE B 86 -7.11 0.13 13.54
C ILE B 86 -5.72 0.64 13.29
N GLY B 87 -5.49 1.14 12.09
CA GLY B 87 -4.22 1.73 11.74
C GLY B 87 -4.30 3.24 11.76
N SER B 88 -3.55 3.85 12.66
CA SER B 88 -3.55 5.30 12.80
C SER B 88 -2.18 5.79 13.25
N GLY B 89 -1.50 6.52 12.38
CA GLY B 89 -0.19 7.05 12.72
C GLY B 89 -0.20 7.76 14.05
N SER B 90 -0.90 8.89 14.07
CA SER B 90 -0.99 9.75 15.24
C SER B 90 -1.89 9.18 16.31
N GLY B 91 -2.78 8.27 15.93
CA GLY B 91 -3.76 7.75 16.86
C GLY B 91 -4.77 8.81 17.28
N GLU B 92 -4.93 9.86 16.45
CA GLU B 92 -5.78 11.01 16.77
C GLU B 92 -6.78 11.37 15.67
N THR B 93 -6.99 10.47 14.71
CA THR B 93 -8.06 10.67 13.74
C THR B 93 -9.45 10.51 14.38
N LYS B 94 -10.22 11.60 14.29
CA LYS B 94 -11.53 11.70 14.93
C LYS B 94 -12.51 10.59 14.56
N SER B 95 -12.66 10.32 13.27
CA SER B 95 -13.46 9.19 12.79
C SER B 95 -13.11 7.85 13.48
N LEU B 96 -11.81 7.66 13.70
CA LEU B 96 -11.29 6.40 14.23
C LEU B 96 -11.31 6.32 15.74
N ILE B 97 -11.16 7.48 16.41
CA ILE B 97 -11.35 7.54 17.87
C ILE B 97 -12.75 7.01 18.22
N HIS B 98 -13.75 7.50 17.50
CA HIS B 98 -15.14 7.09 17.68
C HIS B 98 -15.24 5.58 17.47
N THR B 99 -14.82 5.11 16.29
CA THR B 99 -14.69 3.68 15.99
C THR B 99 -14.11 2.89 17.16
N ALA B 100 -12.93 3.29 17.62
CA ALA B 100 -12.27 2.63 18.76
C ALA B 100 -13.19 2.63 19.97
N ALA B 101 -13.61 3.82 20.38
CA ALA B 101 -14.58 4.02 21.45
C ALA B 101 -15.81 3.13 21.32
N LYS B 102 -16.56 3.29 20.23
CA LYS B 102 -17.78 2.51 20.02
C LYS B 102 -17.51 1.01 20.17
N ALA B 103 -16.42 0.55 19.57
CA ALA B 103 -16.07 -0.87 19.55
C ALA B 103 -15.92 -1.43 20.96
N LYS B 104 -15.05 -0.80 21.75
CA LYS B 104 -14.92 -1.16 23.17
C LYS B 104 -16.24 -1.05 23.91
N SER B 105 -16.95 0.05 23.68
CA SER B 105 -18.27 0.27 24.29
C SER B 105 -19.26 -0.85 23.93
N LEU B 106 -18.90 -1.68 22.97
CA LEU B 106 -19.72 -2.81 22.56
C LEU B 106 -19.07 -4.13 22.93
N HIS B 107 -17.94 -4.05 23.64
CA HIS B 107 -17.20 -5.22 24.11
C HIS B 107 -16.53 -6.00 22.96
N GLY B 108 -16.05 -5.28 21.98
CA GLY B 108 -15.24 -5.86 20.94
C GLY B 108 -13.79 -5.72 21.37
N ILE B 109 -12.91 -6.52 20.77
CA ILE B 109 -11.49 -6.37 21.06
C ILE B 109 -10.88 -5.37 20.08
N VAL B 110 -10.05 -4.47 20.59
CA VAL B 110 -9.48 -3.41 19.78
C VAL B 110 -7.96 -3.53 19.72
N ALA B 111 -7.43 -3.66 18.52
CA ALA B 111 -5.98 -3.60 18.31
C ALA B 111 -5.66 -2.35 17.49
N ALA B 112 -4.67 -1.59 17.93
CA ALA B 112 -4.33 -0.36 17.24
C ALA B 112 -2.87 -0.33 16.85
N LEU B 113 -2.65 0.03 15.58
CA LEU B 113 -1.32 0.15 15.03
C LEU B 113 -0.99 1.64 14.90
N THR B 114 -0.39 2.19 15.95
CA THR B 114 -0.07 3.60 16.00
C THR B 114 1.36 3.85 16.43
N ILE B 115 1.85 5.02 16.07
CA ILE B 115 3.12 5.53 16.54
C ILE B 115 3.03 5.92 18.01
N ASN B 116 1.83 6.27 18.49
CA ASN B 116 1.65 6.83 19.84
C ASN B 116 0.68 6.01 20.72
N PRO B 117 1.20 5.08 21.52
CA PRO B 117 0.38 4.19 22.34
C PRO B 117 -0.51 4.88 23.39
N GLU B 118 -0.10 6.05 23.87
CA GLU B 118 -0.86 6.77 24.87
C GLU B 118 -1.87 7.75 24.25
N SER B 119 -1.89 7.82 22.92
CA SER B 119 -2.86 8.64 22.18
C SER B 119 -4.30 8.21 22.46
N SER B 120 -5.24 9.02 21.97
CA SER B 120 -6.64 8.76 22.20
C SER B 120 -7.02 7.33 21.81
N ILE B 121 -6.62 6.91 20.61
CA ILE B 121 -6.91 5.57 20.11
C ILE B 121 -6.15 4.49 20.92
N GLY B 122 -4.90 4.80 21.27
CA GLY B 122 -4.09 3.91 22.08
C GLY B 122 -4.77 3.55 23.38
N LYS B 123 -5.17 4.58 24.13
CA LYS B 123 -5.84 4.43 25.43
C LYS B 123 -7.10 3.57 25.37
N GLN B 124 -7.67 3.43 24.16
CA GLN B 124 -8.87 2.62 23.95
C GLN B 124 -8.56 1.15 23.63
N ALA B 125 -7.36 0.90 23.11
CA ALA B 125 -6.98 -0.41 22.59
C ALA B 125 -6.69 -1.45 23.67
N ASP B 126 -6.95 -2.71 23.35
CA ASP B 126 -6.53 -3.86 24.17
C ASP B 126 -5.14 -4.35 23.78
N LEU B 127 -4.85 -4.27 22.49
CA LEU B 127 -3.53 -4.64 21.99
C LEU B 127 -2.92 -3.48 21.22
N ILE B 128 -1.75 -3.03 21.65
CA ILE B 128 -1.04 -2.01 20.89
C ILE B 128 0.15 -2.59 20.14
N ILE B 129 0.26 -2.20 18.87
CA ILE B 129 1.44 -2.52 18.09
C ILE B 129 2.08 -1.17 17.80
N ARG B 130 2.99 -0.79 18.70
CA ARG B 130 3.70 0.47 18.59
C ARG B 130 4.47 0.52 17.26
N MET B 131 4.28 1.59 16.51
CA MET B 131 4.90 1.69 15.19
C MET B 131 6.04 2.68 15.31
N PRO B 132 7.07 2.55 14.45
CA PRO B 132 8.16 3.52 14.43
C PRO B 132 7.76 4.90 13.93
N GLY B 133 8.29 5.96 14.55
CA GLY B 133 8.04 7.32 14.14
C GLY B 133 8.02 8.39 15.24
N SER B 134 8.05 7.95 16.49
CA SER B 134 7.98 8.85 17.64
C SER B 134 8.99 10.00 17.61
N PRO B 135 8.64 11.11 18.27
CA PRO B 135 9.61 12.18 18.56
C PRO B 135 10.90 11.61 19.15
N LYS B 136 10.77 10.75 20.15
CA LYS B 136 11.92 10.08 20.74
C LYS B 136 12.82 9.49 19.65
N ASP B 137 12.25 8.61 18.81
CA ASP B 137 13.03 7.97 17.76
C ASP B 137 13.57 8.97 16.75
N GLN B 138 12.89 10.10 16.61
CA GLN B 138 13.38 11.16 15.75
C GLN B 138 14.62 11.83 16.35
N SER B 139 14.55 12.20 17.62
CA SER B 139 15.64 12.88 18.34
C SER B 139 16.81 11.95 18.58
N ASN B 140 16.48 10.68 18.72
CA ASN B 140 17.41 9.57 18.81
C ASN B 140 18.35 9.43 17.60
N GLY B 141 17.91 9.92 16.45
CA GLY B 141 18.59 9.68 15.18
C GLY B 141 18.25 8.34 14.54
N SER B 142 17.34 7.58 15.14
CA SER B 142 16.93 6.27 14.64
C SER B 142 15.87 6.34 13.56
N TYR B 143 15.04 7.38 13.60
CA TYR B 143 13.96 7.54 12.64
C TYR B 143 14.21 8.72 11.72
N LYS B 144 14.40 8.44 10.43
CA LYS B 144 14.50 9.46 9.41
C LYS B 144 13.72 9.06 8.15
N THR B 145 12.96 10.00 7.61
CA THR B 145 12.28 9.80 6.34
C THR B 145 12.39 11.00 5.41
N ILE B 146 12.67 10.74 4.15
CA ILE B 146 12.85 11.80 3.18
C ILE B 146 11.55 12.03 2.40
N GLN B 147 10.52 11.28 2.76
CA GLN B 147 9.28 11.30 1.99
C GLN B 147 8.14 11.99 2.75
N PRO B 148 7.13 12.47 2.01
CA PRO B 148 5.99 13.19 2.61
C PRO B 148 5.40 12.45 3.81
N MET B 149 4.78 13.17 4.74
CA MET B 149 4.41 12.58 6.03
C MET B 149 3.40 11.45 5.90
N GLY B 150 3.72 10.33 6.52
CA GLY B 150 2.82 9.19 6.51
C GLY B 150 3.24 8.12 5.53
N SER B 151 3.98 8.52 4.50
CA SER B 151 4.42 7.56 3.50
C SER B 151 5.05 6.35 4.14
N LEU B 152 6.12 6.55 4.91
CA LEU B 152 6.79 5.45 5.64
C LEU B 152 5.90 4.64 6.58
N PHE B 153 5.11 5.31 7.42
CA PHE B 153 4.18 4.61 8.31
C PHE B 153 3.21 3.71 7.54
N GLU B 154 2.85 4.15 6.34
CA GLU B 154 1.80 3.49 5.55
C GLU B 154 2.34 2.27 4.84
N GLN B 155 3.50 2.47 4.21
CA GLN B 155 4.25 1.36 3.62
C GLN B 155 4.48 0.30 4.71
N THR B 156 4.79 0.74 5.92
CA THR B 156 5.09 -0.18 7.03
C THR B 156 3.87 -0.97 7.40
N LEU B 157 2.74 -0.28 7.51
CA LEU B 157 1.46 -0.92 7.76
C LEU B 157 1.21 -2.03 6.76
N LEU B 158 1.45 -1.76 5.49
CA LEU B 158 1.16 -2.75 4.47
C LEU B 158 2.08 -3.98 4.67
N LEU B 159 3.38 -3.73 4.84
CA LEU B 159 4.34 -4.81 5.01
C LEU B 159 4.03 -5.66 6.25
N PHE B 160 3.62 -5.00 7.32
CA PHE B 160 3.24 -5.69 8.56
C PHE B 160 2.02 -6.57 8.40
N TYR B 161 0.97 -5.99 7.83
CA TYR B 161 -0.25 -6.71 7.50
C TYR B 161 0.03 -7.98 6.68
N ASP B 162 0.83 -7.86 5.62
CA ASP B 162 1.23 -9.03 4.81
C ASP B 162 2.16 -10.03 5.55
N ALA B 163 2.97 -9.54 6.48
CA ALA B 163 3.72 -10.40 7.39
C ALA B 163 2.81 -11.19 8.30
N VAL B 164 1.76 -10.53 8.82
CA VAL B 164 0.72 -11.13 9.65
C VAL B 164 -0.03 -12.19 8.84
N ILE B 165 -0.21 -11.93 7.56
CA ILE B 165 -0.88 -12.93 6.72
C ILE B 165 -0.05 -14.22 6.69
N LEU B 166 1.27 -14.06 6.56
CA LEU B 166 2.21 -15.18 6.46
C LEU B 166 2.21 -16.01 7.75
N LYS B 167 2.19 -15.33 8.89
CA LYS B 167 2.09 -15.99 10.20
C LYS B 167 0.79 -16.76 10.34
N LEU B 168 -0.30 -16.22 9.79
CA LEU B 168 -1.60 -16.88 9.84
C LEU B 168 -1.60 -18.15 9.00
N MET B 169 -0.93 -18.07 7.86
CA MET B 169 -0.77 -19.21 6.96
C MET B 169 0.05 -20.30 7.65
N GLU B 170 1.12 -19.92 8.33
CA GLU B 170 1.94 -20.86 9.09
C GLU B 170 1.12 -21.58 10.18
N LYS B 171 0.36 -20.79 10.95
CA LYS B 171 -0.44 -21.31 12.05
C LYS B 171 -1.59 -22.18 11.54
N LYS B 172 -2.04 -21.90 10.32
CA LYS B 172 -3.14 -22.65 9.72
C LYS B 172 -2.61 -23.81 8.88
N GLY B 173 -1.27 -23.90 8.81
CA GLY B 173 -0.59 -24.95 8.11
C GLY B 173 -0.81 -24.93 6.60
N LEU B 174 -0.86 -23.75 6.02
CA LEU B 174 -0.93 -23.60 4.56
C LEU B 174 0.18 -22.71 4.01
N ASP B 175 0.33 -22.73 2.68
CA ASP B 175 1.29 -21.85 2.01
C ASP B 175 0.70 -21.16 0.80
N SER B 176 1.53 -20.38 0.11
CA SER B 176 1.12 -19.58 -1.05
C SER B 176 0.25 -20.36 -2.04
N GLU B 177 0.51 -21.66 -2.15
CA GLU B 177 -0.23 -22.54 -3.05
C GLU B 177 -1.72 -22.68 -2.68
N THR B 178 -1.96 -23.11 -1.43
CA THR B 178 -3.29 -23.44 -0.95
C THR B 178 -4.29 -22.27 -0.93
N MET B 179 -3.77 -21.05 -0.93
CA MET B 179 -4.58 -19.82 -0.91
C MET B 179 -5.73 -19.82 -1.93
#